data_4GOH
#
_entry.id   4GOH
#
_cell.length_a   57.489
_cell.length_b   61.916
_cell.length_c   63.086
_cell.angle_alpha   90.00
_cell.angle_beta   90.00
_cell.angle_gamma   90.00
#
_symmetry.space_group_name_H-M   'P 21 21 21'
#
loop_
_entity.id
_entity.type
_entity.pdbx_description
1 polymer 'Heme oxygenase'
2 non-polymer GLYCEROL
3 non-polymer 'SODIUM ION'
4 water water
#
_entity_poly.entity_id   1
_entity_poly.type   'polypeptide(L)'
_entity_poly.pdbx_seq_one_letter_code
;MTTATAGLAVELKQSTAQAHEKAEHSTFMSDLLKGRLGVAEFTRLQEQAWLFYTALEQAVDAVRASGFAESLLDPALNRA
EVLARDLDKLNGSSEWRSRITASPAVIDYVNRLEEIRDNVDGPALVAHHYVRYLGDLSGGQVIARMMQRHYGVDPEALGF
YHFEGIAKLKVYKDEYREKLNNLELSDEQREHLLKEATDAFVFNHQVFADLGKGL
;
_entity_poly.pdbx_strand_id   A
#
loop_
_chem_comp.id
_chem_comp.type
_chem_comp.name
_chem_comp.formula
GOL non-polymer GLYCEROL 'C3 H8 O3'
NA non-polymer 'SODIUM ION' 'Na 1'
#
# COMPACT_ATOMS: atom_id res chain seq x y z
N ALA A 6 -9.98 -23.68 -2.78
CA ALA A 6 -9.64 -22.76 -1.63
C ALA A 6 -10.31 -21.40 -1.86
N GLY A 7 -10.73 -20.75 -0.77
CA GLY A 7 -11.29 -19.41 -0.90
C GLY A 7 -10.22 -18.49 -1.45
N LEU A 8 -10.65 -17.37 -2.02
CA LEU A 8 -9.72 -16.39 -2.54
C LEU A 8 -8.76 -15.84 -1.48
N ALA A 9 -9.30 -15.53 -0.30
CA ALA A 9 -8.44 -15.02 0.79
C ALA A 9 -7.27 -15.98 1.07
N VAL A 10 -7.56 -17.28 1.10
CA VAL A 10 -6.52 -18.29 1.32
C VAL A 10 -5.57 -18.39 0.15
N GLU A 11 -6.10 -18.37 -1.07
CA GLU A 11 -5.24 -18.39 -2.23
C GLU A 11 -4.30 -17.19 -2.35
N LEU A 12 -4.79 -16.01 -1.98
CA LEU A 12 -3.99 -14.80 -2.03
C LEU A 12 -2.87 -14.82 -1.01
N LYS A 13 -3.19 -15.24 0.21
CA LYS A 13 -2.16 -15.51 1.23
C LYS A 13 -1.06 -16.42 0.65
N GLN A 14 -1.46 -17.44 -0.07
CA GLN A 14 -0.54 -18.33 -0.75
C GLN A 14 0.25 -17.70 -1.94
N SER A 15 -0.24 -16.64 -2.58
CA SER A 15 0.55 -15.92 -3.60
C SER A 15 1.60 -15.03 -2.96
N THR A 16 1.21 -14.35 -1.89
CA THR A 16 2.12 -13.56 -1.06
C THR A 16 3.34 -14.36 -0.67
N ALA A 17 3.07 -15.48 -0.01
CA ALA A 17 4.10 -16.31 0.62
C ALA A 17 5.11 -16.65 -0.45
N GLN A 18 4.61 -17.21 -1.54
CA GLN A 18 5.46 -17.63 -2.62
C GLN A 18 6.32 -16.49 -3.16
N ALA A 19 5.70 -15.33 -3.42
CA ALA A 19 6.42 -14.15 -3.94
C ALA A 19 7.57 -13.65 -3.05
N HIS A 20 7.50 -13.93 -1.74
CA HIS A 20 8.55 -13.51 -0.81
C HIS A 20 9.91 -14.13 -1.15
N GLU A 21 9.92 -15.42 -1.47
CA GLU A 21 11.10 -16.09 -2.06
C GLU A 21 11.16 -15.87 -3.56
N LYS A 22 12.25 -15.24 -3.99
CA LYS A 22 12.45 -14.64 -5.31
C LYS A 22 12.76 -13.18 -5.10
N ALA A 23 11.97 -12.55 -4.22
CA ALA A 23 12.09 -11.12 -3.87
C ALA A 23 13.55 -10.70 -3.72
N GLU A 24 13.95 -9.64 -4.41
CA GLU A 24 15.26 -9.01 -4.12
C GLU A 24 15.34 -8.55 -2.66
N HIS A 25 16.30 -9.10 -1.92
CA HIS A 25 16.45 -8.84 -0.48
C HIS A 25 16.88 -7.39 -0.26
N SER A 26 16.28 -6.75 0.75
CA SER A 26 16.70 -5.40 1.16
C SER A 26 16.60 -5.28 2.64
N THR A 27 17.32 -4.32 3.18
CA THR A 27 17.33 -4.12 4.59
C THR A 27 16.76 -2.76 4.94
N PHE A 28 16.19 -2.05 3.99
CA PHE A 28 15.71 -0.69 4.31
C PHE A 28 14.67 -0.70 5.41
N MET A 29 13.62 -1.50 5.26
CA MET A 29 12.55 -1.47 6.21
C MET A 29 13.05 -2.03 7.52
N SER A 30 13.84 -3.12 7.49
CA SER A 30 14.38 -3.70 8.70
C SER A 30 15.18 -2.68 9.47
N ASP A 31 16.09 -2.00 8.76
CA ASP A 31 16.88 -0.92 9.41
C ASP A 31 16.03 0.20 9.97
N LEU A 32 15.03 0.66 9.21
CA LEU A 32 14.14 1.71 9.65
C LEU A 32 13.48 1.35 10.96
N LEU A 33 12.89 0.15 10.99
CA LEU A 33 12.07 -0.23 12.13
C LEU A 33 12.86 -0.54 13.38
N LYS A 34 14.12 -0.91 13.24
CA LYS A 34 14.95 -1.15 14.40
C LYS A 34 15.77 0.06 14.86
N GLY A 35 15.59 1.22 14.22
CA GLY A 35 16.14 2.44 14.76
C GLY A 35 17.47 2.85 14.15
N ARG A 36 17.88 2.15 13.08
CA ARG A 36 19.19 2.38 12.41
C ARG A 36 19.21 3.53 11.41
N LEU A 37 18.05 4.04 11.05
CA LEU A 37 17.97 5.13 10.09
C LEU A 37 17.57 6.38 10.82
N GLY A 38 16.52 7.05 10.36
CA GLY A 38 16.09 8.31 10.97
C GLY A 38 14.91 8.91 10.27
N VAL A 39 14.53 10.09 10.72
CA VAL A 39 13.36 10.79 10.17
C VAL A 39 13.48 11.07 8.70
N ALA A 40 14.69 11.37 8.20
CA ALA A 40 14.89 11.61 6.78
C ALA A 40 14.46 10.41 5.94
N GLU A 41 14.92 9.22 6.31
CA GLU A 41 14.64 8.00 5.56
C GLU A 41 13.17 7.67 5.65
N PHE A 42 12.60 7.89 6.83
CA PHE A 42 11.11 7.74 7.00
C PHE A 42 10.35 8.68 6.04
N THR A 43 10.81 9.90 5.94
CA THR A 43 10.16 10.87 5.09
C THR A 43 10.25 10.49 3.62
N ARG A 44 11.40 9.96 3.21
CA ARG A 44 11.65 9.49 1.82
C ARG A 44 10.64 8.39 1.50
N LEU A 45 10.46 7.45 2.43
CA LEU A 45 9.46 6.34 2.24
C LEU A 45 8.09 6.91 2.04
N GLN A 46 7.70 7.86 2.87
CA GLN A 46 6.30 8.35 2.85
C GLN A 46 6.07 9.21 1.60
N GLU A 47 7.10 9.89 1.09
CA GLU A 47 6.99 10.60 -0.20
C GLU A 47 6.74 9.67 -1.36
N GLN A 48 7.43 8.54 -1.36
CA GLN A 48 7.20 7.52 -2.40
C GLN A 48 5.80 6.96 -2.24
N ALA A 49 5.42 6.68 -1.00
CA ALA A 49 4.06 6.18 -0.69
C ALA A 49 2.98 7.13 -1.19
N TRP A 50 3.15 8.44 -0.98
CA TRP A 50 2.19 9.38 -1.51
C TRP A 50 2.00 9.20 -3.02
N LEU A 51 3.10 9.00 -3.75
CA LEU A 51 2.99 8.77 -5.21
C LEU A 51 2.15 7.54 -5.53
N PHE A 52 2.49 6.43 -4.90
CA PHE A 52 1.80 5.18 -5.26
C PHE A 52 0.40 5.05 -4.64
N TYR A 53 0.15 5.59 -3.45
CA TYR A 53 -1.20 5.60 -2.91
C TYR A 53 -2.12 6.55 -3.73
N THR A 54 -1.56 7.64 -4.22
CA THR A 54 -2.33 8.54 -5.09
C THR A 54 -2.73 7.78 -6.36
N ALA A 55 -1.79 7.07 -6.99
CA ALA A 55 -2.11 6.23 -8.17
C ALA A 55 -3.10 5.13 -7.86
N LEU A 56 -2.84 4.39 -6.76
CA LEU A 56 -3.72 3.35 -6.35
C LEU A 56 -5.13 3.86 -6.17
N GLU A 57 -5.29 5.00 -5.48
CA GLU A 57 -6.62 5.45 -5.12
C GLU A 57 -7.41 6.03 -6.29
N GLN A 58 -6.71 6.59 -7.26
CA GLN A 58 -7.33 6.91 -8.61
C GLN A 58 -7.87 5.66 -9.30
N ALA A 59 -7.12 4.56 -9.23
CA ALA A 59 -7.60 3.30 -9.78
C ALA A 59 -8.78 2.75 -8.99
N VAL A 60 -8.70 2.79 -7.65
CA VAL A 60 -9.81 2.35 -6.80
C VAL A 60 -11.08 3.14 -7.14
N ASP A 61 -10.94 4.46 -7.32
CA ASP A 61 -12.08 5.34 -7.58
C ASP A 61 -12.74 4.91 -8.89
N ALA A 62 -11.96 4.54 -9.87
CA ALA A 62 -12.51 4.24 -11.21
C ALA A 62 -13.22 2.91 -11.12
N VAL A 63 -12.57 1.93 -10.50
CA VAL A 63 -13.17 0.60 -10.37
C VAL A 63 -14.45 0.63 -9.51
N ARG A 64 -14.42 1.33 -8.35
CA ARG A 64 -15.63 1.48 -7.55
C ARG A 64 -16.76 2.14 -8.34
N ALA A 65 -16.46 3.19 -9.08
CA ALA A 65 -17.49 3.96 -9.82
C ALA A 65 -18.12 3.04 -10.89
N SER A 66 -17.30 2.15 -11.46
CA SER A 66 -17.82 1.15 -12.44
C SER A 66 -18.81 0.14 -11.85
N GLY A 67 -18.84 0.01 -10.52
CA GLY A 67 -19.72 -0.89 -9.80
C GLY A 67 -19.12 -2.24 -9.42
N PHE A 68 -17.79 -2.34 -9.38
CA PHE A 68 -17.08 -3.59 -9.16
C PHE A 68 -16.49 -3.57 -7.76
N ALA A 69 -16.80 -4.62 -6.99
CA ALA A 69 -16.29 -4.84 -5.64
C ALA A 69 -16.53 -3.64 -4.69
N GLU A 70 -17.71 -3.02 -4.77
CA GLU A 70 -17.92 -1.74 -4.08
C GLU A 70 -17.76 -1.86 -2.57
N SER A 71 -18.26 -2.94 -1.99
CA SER A 71 -18.14 -3.08 -0.54
C SER A 71 -16.71 -3.29 -0.09
N LEU A 72 -15.87 -3.90 -0.93
CA LEU A 72 -14.44 -4.08 -0.55
C LEU A 72 -13.71 -2.75 -0.58
N LEU A 73 -14.10 -1.92 -1.54
CA LEU A 73 -13.42 -0.66 -1.88
C LEU A 73 -13.87 0.49 -1.01
N ASP A 74 -13.75 0.27 0.29
CA ASP A 74 -14.17 1.24 1.31
C ASP A 74 -13.32 2.51 1.25
N PRO A 75 -13.94 3.67 1.02
CA PRO A 75 -13.16 4.89 0.96
C PRO A 75 -12.51 5.28 2.29
N ALA A 76 -12.93 4.68 3.39
CA ALA A 76 -12.25 4.97 4.68
C ALA A 76 -10.78 4.49 4.65
N LEU A 77 -10.47 3.56 3.73
CA LEU A 77 -9.09 3.11 3.57
C LEU A 77 -8.18 4.17 2.95
N ASN A 78 -8.73 5.15 2.24
CA ASN A 78 -7.90 6.05 1.49
C ASN A 78 -6.81 6.65 2.39
N ARG A 79 -5.58 6.62 1.90
CA ARG A 79 -4.42 7.15 2.58
C ARG A 79 -3.74 8.34 1.93
N ALA A 80 -4.03 8.66 0.67
CA ALA A 80 -3.18 9.62 -0.01
C ALA A 80 -3.25 10.98 0.65
N GLU A 81 -4.45 11.45 1.01
CA GLU A 81 -4.54 12.84 1.57
C GLU A 81 -3.96 12.89 2.96
N VAL A 82 -4.14 11.79 3.65
CA VAL A 82 -3.56 11.63 4.98
C VAL A 82 -2.03 11.75 4.87
N LEU A 83 -1.40 11.01 3.93
CA LEU A 83 0.03 11.08 3.71
C LEU A 83 0.46 12.51 3.39
N ALA A 84 -0.31 13.20 2.55
CA ALA A 84 0.04 14.59 2.22
C ALA A 84 0.08 15.43 3.49
N ARG A 85 -0.88 15.25 4.39
CA ARG A 85 -0.88 16.01 5.71
C ARG A 85 0.32 15.67 6.57
N ASP A 86 0.70 14.38 6.57
CA ASP A 86 1.88 13.92 7.30
C ASP A 86 3.12 14.55 6.71
N LEU A 87 3.19 14.61 5.38
CA LEU A 87 4.38 15.13 4.69
C LEU A 87 4.50 16.64 4.88
N ASP A 88 3.37 17.32 4.93
CA ASP A 88 3.33 18.79 5.25
C ASP A 88 4.02 19.02 6.56
N LYS A 89 3.76 18.14 7.52
CA LYS A 89 4.42 18.23 8.81
C LYS A 89 5.89 17.84 8.80
N LEU A 90 6.21 16.72 8.14
CA LEU A 90 7.58 16.28 8.07
C LEU A 90 8.49 17.25 7.33
N ASN A 91 8.00 17.81 6.24
CA ASN A 91 8.82 18.70 5.41
C ASN A 91 8.68 20.18 5.76
N GLY A 92 7.69 20.54 6.55
CA GLY A 92 7.55 21.93 6.97
C GLY A 92 6.78 22.79 6.00
N SER A 93 6.47 22.27 4.83
CA SER A 93 5.76 23.07 3.81
C SER A 93 5.06 22.17 2.83
N SER A 94 4.40 22.80 1.85
CA SER A 94 3.69 22.11 0.76
C SER A 94 4.55 21.86 -0.48
N GLU A 95 5.72 22.51 -0.50
CA GLU A 95 6.67 22.54 -1.62
C GLU A 95 7.00 21.17 -2.19
N TRP A 96 7.06 20.18 -1.30
CA TRP A 96 7.55 18.85 -1.62
C TRP A 96 6.76 18.24 -2.78
N ARG A 97 5.52 18.62 -2.93
CA ARG A 97 4.66 18.10 -3.98
C ARG A 97 5.25 18.22 -5.39
N SER A 98 5.99 19.29 -5.62
CA SER A 98 6.53 19.57 -6.95
C SER A 98 7.98 19.13 -7.06
N ARG A 99 8.54 18.57 -5.98
CA ARG A 99 9.97 18.25 -5.95
C ARG A 99 10.36 16.79 -5.72
N ILE A 100 9.41 15.95 -5.32
CA ILE A 100 9.74 14.56 -5.04
C ILE A 100 9.92 13.82 -6.36
N THR A 101 10.87 12.91 -6.42
CA THR A 101 11.17 12.24 -7.68
C THR A 101 10.96 10.77 -7.41
N ALA A 102 10.23 10.10 -8.27
CA ALA A 102 9.95 8.67 -8.10
C ALA A 102 11.18 7.83 -8.39
N SER A 103 11.43 6.79 -7.58
CA SER A 103 12.42 5.82 -7.90
C SER A 103 12.02 5.01 -9.15
N PRO A 104 12.98 4.36 -9.78
CA PRO A 104 12.59 3.55 -10.94
C PRO A 104 11.53 2.48 -10.60
N ALA A 105 11.60 1.88 -9.40
CA ALA A 105 10.54 0.92 -8.99
C ALA A 105 9.19 1.57 -8.83
N VAL A 106 9.16 2.78 -8.26
CA VAL A 106 7.93 3.47 -8.05
C VAL A 106 7.37 3.91 -9.41
N ILE A 107 8.21 4.29 -10.34
CA ILE A 107 7.68 4.65 -11.69
C ILE A 107 6.97 3.45 -12.26
N ASP A 108 7.59 2.28 -12.15
CA ASP A 108 6.99 1.09 -12.77
C ASP A 108 5.68 0.71 -12.09
N TYR A 109 5.67 0.77 -10.76
CA TYR A 109 4.46 0.52 -9.93
C TYR A 109 3.34 1.45 -10.25
N VAL A 110 3.65 2.75 -10.28
CA VAL A 110 2.66 3.74 -10.61
C VAL A 110 2.11 3.50 -12.03
N ASN A 111 3.01 3.24 -12.97
CA ASN A 111 2.59 2.96 -14.39
C ASN A 111 1.61 1.80 -14.46
N ARG A 112 1.84 0.76 -13.68
CA ARG A 112 0.87 -0.37 -13.64
C ARG A 112 -0.49 0.08 -13.08
N LEU A 113 -0.46 0.82 -11.96
CA LEU A 113 -1.66 1.29 -11.31
C LEU A 113 -2.46 2.20 -12.26
N GLU A 114 -1.77 3.01 -13.04
CA GLU A 114 -2.46 3.88 -14.00
C GLU A 114 -3.09 3.09 -15.17
N GLU A 115 -2.41 2.04 -15.55
CA GLU A 115 -2.91 1.16 -16.61
C GLU A 115 -4.20 0.49 -16.10
N ILE A 116 -4.16 0.00 -14.86
CA ILE A 116 -5.35 -0.57 -14.23
C ILE A 116 -6.52 0.41 -14.15
N ARG A 117 -6.22 1.65 -13.72
CA ARG A 117 -7.21 2.70 -13.75
C ARG A 117 -7.83 2.88 -15.15
N ASP A 118 -6.98 3.09 -16.12
CA ASP A 118 -7.45 3.39 -17.50
C ASP A 118 -8.24 2.23 -18.07
N ASN A 119 -7.87 1.01 -17.73
CA ASN A 119 -8.58 -0.21 -18.20
C ASN A 119 -9.79 -0.55 -17.36
N VAL A 120 -9.96 0.16 -16.25
CA VAL A 120 -11.00 -0.13 -15.23
C VAL A 120 -10.97 -1.62 -14.92
N ASP A 121 -9.79 -2.10 -14.59
CA ASP A 121 -9.54 -3.54 -14.44
C ASP A 121 -9.84 -3.96 -12.99
N GLY A 122 -11.08 -4.38 -12.72
CA GLY A 122 -11.49 -4.68 -11.35
C GLY A 122 -10.64 -5.75 -10.69
N PRO A 123 -10.50 -6.92 -11.35
CA PRO A 123 -9.67 -7.97 -10.73
C PRO A 123 -8.23 -7.53 -10.38
N ALA A 124 -7.60 -6.78 -11.27
CA ALA A 124 -6.24 -6.37 -11.03
C ALA A 124 -6.22 -5.38 -9.89
N LEU A 125 -7.22 -4.49 -9.85
CA LEU A 125 -7.25 -3.47 -8.76
C LEU A 125 -7.41 -4.15 -7.40
N VAL A 126 -8.30 -5.15 -7.31
CA VAL A 126 -8.46 -5.89 -6.04
C VAL A 126 -7.16 -6.51 -5.55
N ALA A 127 -6.36 -7.09 -6.45
CA ALA A 127 -5.03 -7.60 -6.12
C ALA A 127 -4.14 -6.52 -5.46
N HIS A 128 -4.09 -5.36 -6.07
CA HIS A 128 -3.24 -4.28 -5.50
C HIS A 128 -3.79 -3.72 -4.18
N HIS A 129 -5.12 -3.66 -4.08
CA HIS A 129 -5.82 -3.22 -2.87
C HIS A 129 -5.49 -4.15 -1.69
N TYR A 130 -5.54 -5.44 -1.94
CA TYR A 130 -5.14 -6.46 -0.99
C TYR A 130 -3.69 -6.29 -0.52
N VAL A 131 -2.76 -6.19 -1.50
CA VAL A 131 -1.31 -6.07 -1.16
C VAL A 131 -1.07 -4.82 -0.30
N ARG A 132 -1.62 -3.68 -0.66
CA ARG A 132 -1.41 -2.46 0.12
C ARG A 132 -2.20 -2.47 1.44
N TYR A 133 -3.51 -2.62 1.38
CA TYR A 133 -4.29 -2.28 2.56
C TYR A 133 -4.31 -3.38 3.63
N LEU A 134 -4.36 -4.65 3.26
CA LEU A 134 -4.34 -5.71 4.29
C LEU A 134 -3.02 -5.62 5.09
N GLY A 135 -1.94 -5.27 4.40
CA GLY A 135 -0.65 -5.07 5.08
C GLY A 135 -0.76 -3.84 5.97
N ASP A 136 -1.35 -2.74 5.47
CA ASP A 136 -1.53 -1.55 6.35
C ASP A 136 -2.38 -1.80 7.58
N LEU A 137 -3.41 -2.64 7.44
CA LEU A 137 -4.37 -2.90 8.52
C LEU A 137 -3.80 -3.82 9.56
N SER A 138 -2.67 -4.44 9.24
CA SER A 138 -1.99 -5.30 10.18
C SER A 138 -0.77 -4.52 10.76
N GLY A 139 -0.11 -3.65 10.01
CA GLY A 139 1.23 -3.11 10.42
C GLY A 139 1.20 -1.70 11.06
N GLY A 140 0.12 -1.33 11.69
CA GLY A 140 -0.09 0.10 11.87
C GLY A 140 0.55 0.75 13.09
N GLN A 141 -0.03 0.40 14.20
CA GLN A 141 0.11 1.21 15.37
C GLN A 141 1.50 0.91 15.79
N VAL A 142 1.89 -0.31 15.37
CA VAL A 142 3.13 -0.89 15.60
C VAL A 142 4.19 -0.12 14.90
N ILE A 143 4.12 0.11 13.57
CA ILE A 143 5.18 0.89 12.92
C ILE A 143 5.21 2.34 13.48
N ALA A 144 4.03 2.92 13.65
CA ALA A 144 3.94 4.29 14.18
C ALA A 144 4.67 4.40 15.51
N ARG A 145 4.42 3.46 16.39
CA ARG A 145 5.12 3.51 17.69
C ARG A 145 6.61 3.40 17.55
N MET A 146 7.07 2.59 16.59
CA MET A 146 8.50 2.47 16.38
C MET A 146 9.11 3.79 15.91
N MET A 147 8.39 4.51 15.05
CA MET A 147 8.87 5.81 14.61
C MET A 147 8.91 6.82 15.79
N GLN A 148 7.89 6.75 16.64
CA GLN A 148 7.88 7.63 17.88
C GLN A 148 9.04 7.30 18.78
N ARG A 149 9.21 6.01 19.04
CA ARG A 149 10.21 5.55 20.02
C ARG A 149 11.66 5.74 19.53
N HIS A 150 11.97 5.28 18.31
CA HIS A 150 13.34 5.34 17.83
C HIS A 150 13.72 6.75 17.46
N TYR A 151 12.81 7.52 16.87
CA TYR A 151 13.19 8.74 16.17
C TYR A 151 12.49 10.01 16.65
N GLY A 152 11.56 9.86 17.58
CA GLY A 152 10.73 10.99 18.07
C GLY A 152 9.80 11.65 17.10
N VAL A 153 9.35 10.91 16.08
CA VAL A 153 8.41 11.47 15.15
C VAL A 153 7.13 11.79 15.90
N ASP A 154 6.57 12.98 15.65
CA ASP A 154 5.36 13.39 16.30
C ASP A 154 4.14 12.66 15.74
N PRO A 155 3.13 12.40 16.57
CA PRO A 155 1.88 11.79 16.00
C PRO A 155 1.26 12.54 14.87
N GLU A 156 1.45 13.87 14.83
CA GLU A 156 0.99 14.67 13.69
C GLU A 156 1.52 14.26 12.33
N ALA A 157 2.59 13.46 12.33
CA ALA A 157 3.28 13.04 11.13
C ALA A 157 3.09 11.55 10.88
N LEU A 158 2.18 10.94 11.66
CA LEU A 158 1.95 9.51 11.64
C LEU A 158 0.50 9.14 11.37
N GLY A 159 -0.25 10.06 10.80
CA GLY A 159 -1.64 9.82 10.53
C GLY A 159 -1.89 8.68 9.58
N PHE A 160 -0.92 8.45 8.69
CA PHE A 160 -1.01 7.30 7.74
C PHE A 160 -1.35 5.99 8.44
N TYR A 161 -0.82 5.80 9.65
CA TYR A 161 -0.96 4.55 10.41
C TYR A 161 -2.31 4.32 11.14
N HIS A 162 -3.17 5.32 11.15
CA HIS A 162 -4.43 5.27 11.81
C HIS A 162 -5.54 5.48 10.80
N PHE A 163 -6.50 4.55 10.82
CA PHE A 163 -7.68 4.63 9.98
C PHE A 163 -8.81 5.23 10.85
N GLU A 164 -9.11 6.49 10.59
CA GLU A 164 -10.10 7.26 11.33
C GLU A 164 -11.46 6.56 11.27
N GLY A 165 -11.77 5.97 10.13
CA GLY A 165 -13.12 5.42 9.95
C GLY A 165 -13.35 4.01 10.43
N ILE A 166 -12.36 3.40 11.10
CA ILE A 166 -12.46 1.97 11.44
C ILE A 166 -12.32 1.76 12.94
N ALA A 167 -13.41 1.33 13.57
CA ALA A 167 -13.51 1.28 15.03
C ALA A 167 -12.84 0.02 15.55
N LYS A 168 -12.99 -1.07 14.81
CA LYS A 168 -12.52 -2.38 15.27
C LYS A 168 -11.76 -3.10 14.17
N LEU A 169 -10.43 -3.07 14.25
CA LEU A 169 -9.56 -3.44 13.16
C LEU A 169 -9.59 -4.93 12.96
N LYS A 170 -9.65 -5.66 14.07
CA LYS A 170 -9.61 -7.10 13.98
C LYS A 170 -10.84 -7.64 13.23
N VAL A 171 -11.99 -7.08 13.55
CA VAL A 171 -13.23 -7.48 12.89
C VAL A 171 -13.24 -7.04 11.42
N TYR A 172 -12.77 -5.82 11.21
CA TYR A 172 -12.65 -5.29 9.84
C TYR A 172 -11.85 -6.21 8.90
N LYS A 173 -10.71 -6.72 9.36
CA LYS A 173 -9.90 -7.66 8.58
C LYS A 173 -10.62 -8.96 8.29
N ASP A 174 -11.32 -9.49 9.28
CA ASP A 174 -12.16 -10.67 9.04
C ASP A 174 -13.23 -10.41 7.97
N GLU A 175 -13.90 -9.28 8.06
CA GLU A 175 -14.92 -8.90 7.05
C GLU A 175 -14.30 -8.73 5.65
N TYR A 176 -13.09 -8.19 5.64
CA TYR A 176 -12.36 -7.97 4.39
C TYR A 176 -12.09 -9.29 3.74
N ARG A 177 -11.56 -10.27 4.49
CA ARG A 177 -11.28 -11.54 3.92
C ARG A 177 -12.55 -12.21 3.45
N GLU A 178 -13.64 -12.01 4.16
CA GLU A 178 -14.93 -12.61 3.74
C GLU A 178 -15.42 -11.93 2.45
N LYS A 179 -15.27 -10.62 2.36
CA LYS A 179 -15.61 -9.91 1.09
C LYS A 179 -14.78 -10.47 -0.08
N LEU A 180 -13.47 -10.71 0.14
CA LEU A 180 -12.64 -11.35 -0.89
C LEU A 180 -13.21 -12.71 -1.27
N ASN A 181 -13.54 -13.53 -0.27
CA ASN A 181 -14.04 -14.87 -0.51
C ASN A 181 -15.39 -14.83 -1.25
N ASN A 182 -16.12 -13.73 -1.15
CA ASN A 182 -17.45 -13.64 -1.79
C ASN A 182 -17.47 -12.94 -3.15
N LEU A 183 -16.33 -12.41 -3.59
CA LEU A 183 -16.26 -11.71 -4.87
C LEU A 183 -16.64 -12.70 -5.97
N GLU A 184 -17.54 -12.29 -6.87
CA GLU A 184 -17.91 -13.10 -8.05
C GLU A 184 -16.91 -12.88 -9.17
N LEU A 185 -16.21 -13.92 -9.61
CA LEU A 185 -15.18 -13.79 -10.65
C LEU A 185 -15.24 -14.97 -11.64
N SER A 186 -15.08 -14.72 -12.93
CA SER A 186 -14.87 -15.82 -13.92
C SER A 186 -13.56 -16.50 -13.57
N ASP A 187 -13.33 -17.72 -14.04
CA ASP A 187 -12.04 -18.37 -13.77
C ASP A 187 -10.89 -17.55 -14.31
N GLU A 188 -11.10 -16.90 -15.43
CA GLU A 188 -10.08 -16.09 -16.02
C GLU A 188 -9.79 -14.84 -15.18
N GLN A 189 -10.83 -14.21 -14.66
CA GLN A 189 -10.63 -13.00 -13.78
C GLN A 189 -9.86 -13.40 -12.50
N ARG A 190 -10.21 -14.55 -11.97
CA ARG A 190 -9.56 -15.04 -10.75
C ARG A 190 -8.09 -15.33 -10.96
N GLU A 191 -7.76 -15.99 -12.06
CA GLU A 191 -6.42 -16.27 -12.41
C GLU A 191 -5.66 -14.98 -12.63
N HIS A 192 -6.28 -14.00 -13.28
CA HIS A 192 -5.66 -12.70 -13.50
C HIS A 192 -5.39 -11.96 -12.17
N LEU A 193 -6.33 -12.06 -11.26
CA LEU A 193 -6.24 -11.39 -9.96
C LEU A 193 -5.08 -11.98 -9.15
N LEU A 194 -4.94 -13.30 -9.17
CA LEU A 194 -3.86 -13.94 -8.43
C LEU A 194 -2.46 -13.63 -8.99
N LYS A 195 -2.36 -13.56 -10.32
CA LYS A 195 -1.14 -13.20 -10.98
C LYS A 195 -0.75 -11.80 -10.64
N GLU A 196 -1.72 -10.90 -10.67
CA GLU A 196 -1.50 -9.52 -10.34
C GLU A 196 -1.08 -9.35 -8.90
N ALA A 197 -1.60 -10.17 -8.01
CA ALA A 197 -1.23 -10.07 -6.57
C ALA A 197 0.26 -10.37 -6.42
N THR A 198 0.74 -11.39 -7.14
CA THR A 198 2.19 -11.71 -7.21
C THR A 198 2.98 -10.50 -7.71
N ASP A 199 2.55 -9.94 -8.84
CA ASP A 199 3.17 -8.76 -9.41
C ASP A 199 3.22 -7.59 -8.43
N ALA A 200 2.13 -7.36 -7.72
CA ALA A 200 2.02 -6.26 -6.74
C ALA A 200 3.00 -6.46 -5.58
N PHE A 201 3.07 -7.69 -5.09
CA PHE A 201 4.08 -7.97 -4.08
C PHE A 201 5.51 -7.74 -4.59
N VAL A 202 5.76 -8.06 -5.85
CA VAL A 202 7.06 -7.84 -6.45
C VAL A 202 7.33 -6.36 -6.60
N PHE A 203 6.33 -5.57 -7.07
CA PHE A 203 6.53 -4.11 -7.11
C PHE A 203 6.89 -3.52 -5.78
N ASN A 204 6.21 -4.00 -4.76
CA ASN A 204 6.44 -3.56 -3.40
C ASN A 204 7.86 -3.85 -2.93
N HIS A 205 8.33 -5.08 -3.16
CA HIS A 205 9.70 -5.45 -2.77
C HIS A 205 10.72 -4.53 -3.52
N GLN A 206 10.46 -4.23 -4.79
CA GLN A 206 11.34 -3.38 -5.59
C GLN A 206 11.38 -1.96 -5.07
N VAL A 207 10.24 -1.42 -4.63
CA VAL A 207 10.22 -0.09 -3.99
C VAL A 207 11.21 -0.02 -2.82
N PHE A 208 11.17 -1.04 -1.95
CA PHE A 208 12.07 -1.09 -0.82
C PHE A 208 13.54 -1.34 -1.18
N ALA A 209 13.75 -2.11 -2.24
CA ALA A 209 15.10 -2.38 -2.70
C ALA A 209 15.68 -1.05 -3.22
N ASP A 210 14.88 -0.28 -3.93
CA ASP A 210 15.35 1.03 -4.43
C ASP A 210 15.62 2.01 -3.30
N LEU A 211 14.75 2.08 -2.30
CA LEU A 211 14.98 2.88 -1.10
C LEU A 211 16.30 2.50 -0.42
N GLY A 212 16.51 1.20 -0.33
CA GLY A 212 17.76 0.65 0.23
C GLY A 212 19.03 0.87 -0.55
N LYS A 213 18.91 1.26 -1.83
CA LYS A 213 20.03 1.69 -2.68
C LYS A 213 20.20 3.18 -2.74
N GLY A 214 19.34 3.95 -2.08
CA GLY A 214 19.39 5.42 -2.19
C GLY A 214 18.78 6.00 -3.46
N LEU A 215 17.96 5.20 -4.13
CA LEU A 215 17.30 5.63 -5.35
C LEU A 215 15.89 6.16 -5.08
C1 GOL B . 4.90 0.82 3.25
O1 GOL B . 4.62 -0.54 3.50
C2 GOL B . 3.65 1.65 3.40
O2 GOL B . 2.81 1.34 2.31
C3 GOL B . 3.99 3.11 3.32
O3 GOL B . 4.73 3.48 4.48
C1 GOL C . -3.01 -5.46 -15.08
O1 GOL C . -1.84 -6.19 -15.33
C2 GOL C . -3.17 -4.50 -16.22
O2 GOL C . -2.11 -3.60 -16.08
C3 GOL C . -4.45 -3.70 -16.08
O3 GOL C . -5.29 -4.04 -17.13
C1 GOL D . 17.84 8.10 -0.64
O1 GOL D . 17.36 9.39 -0.94
C2 GOL D . 16.72 7.06 -0.83
O2 GOL D . 15.65 7.62 -1.52
C3 GOL D . 16.23 6.57 0.53
O3 GOL D . 17.29 5.89 1.12
C1 GOL E . 8.46 -5.97 2.75
O1 GOL E . 8.90 -6.50 1.52
C2 GOL E . 9.09 -4.60 2.90
O2 GOL E . 10.50 -4.74 2.83
C3 GOL E . 8.70 -3.98 4.22
O3 GOL E . 7.30 -3.91 4.36
C1 GOL F . -17.49 -8.35 -8.96
O1 GOL F . -17.76 -9.63 -9.49
C2 GOL F . -17.77 -8.27 -7.46
O2 GOL F . -18.27 -9.48 -6.87
C3 GOL F . -18.81 -7.21 -7.21
O3 GOL F . -18.88 -6.25 -8.25
C1 GOL G . -7.96 -4.94 -19.71
O1 GOL G . -9.18 -4.37 -19.30
C2 GOL G . -7.96 -6.43 -19.36
O2 GOL G . -8.84 -6.76 -18.27
C3 GOL G . -6.51 -6.81 -19.14
O3 GOL G . -5.92 -6.70 -20.43
NA NA H . 10.53 -5.62 8.26
NA NA I . 12.60 -9.80 0.86
#